data_2YMX
#
_entry.id   2YMX
#
_cell.length_a   69.950
_cell.length_b   129.111
_cell.length_c   99.264
_cell.angle_alpha   90.00
_cell.angle_beta   90.00
_cell.angle_gamma   90.00
#
_symmetry.space_group_name_H-M   'C 2 2 21'
#
loop_
_entity.id
_entity.type
_entity.pdbx_description
1 polymer 'FAB ANTIBODY HEAVY CHAIN'
2 polymer 'FAB ANTIBODY LIGHT CHAIN'
3 non-polymer GLYCEROL
4 water water
#
loop_
_entity_poly.entity_id
_entity_poly.type
_entity_poly.pdbx_seq_one_letter_code
_entity_poly.pdbx_strand_id
1 'polypeptide(L)'
;EVQLQQSGPELVKPGASVKISCKASGYSFTGYYMNWVKQSPEKSLEWIGEMSPSTGRTTYNQNFKAKATLTVDQSSSTAY
MQLKSLTSEDSAVYYCARSVPLTTLIEDWYFDVWGTGTTVTVSSAKTTPPSVYPLAPGSAAQTNSMVTLGCLVKGYFPEP
VTVTWNSGSLSSGVHTFPAVLQSDLYTLSSSVTVPSSTWPSETVTCNVAHPASSTKVDKKIVPR
;
H
2 'polypeptide(L)'
;DIQMTQSPASLSASVGATVTITCRTSENIDSYLAWYQQRQGKSPQLLVYAATNLADGVPSRFSGSGSGTQYSLKINSLQS
EDVARYYCQHYSTTPWTFGGGTQLEIKRADAAPTVSIFPPSSEQLTSGGASVVCFLNNFYPKDINVKWKIDGSERQNGVL
NSWTDQDSKDSTYSMSSTLTLTKDEYERHNSYTCEATHKTSTSPIVKSFNRNEC
;
L
#
loop_
_chem_comp.id
_chem_comp.type
_chem_comp.name
_chem_comp.formula
GOL non-polymer GLYCEROL 'C3 H8 O3'
#
# COMPACT_ATOMS: atom_id res chain seq x y z
N GLU A 1 -5.36 13.07 -20.05
CA GLU A 1 -4.77 14.38 -20.42
C GLU A 1 -4.45 15.26 -19.20
N VAL A 2 -5.42 15.42 -18.29
CA VAL A 2 -5.19 16.19 -17.06
C VAL A 2 -4.31 15.39 -16.11
N GLN A 3 -3.12 15.92 -15.80
CA GLN A 3 -2.22 15.27 -14.85
C GLN A 3 -1.70 16.24 -13.80
N LEU A 4 -1.38 15.70 -12.61
CA LEU A 4 -0.85 16.48 -11.51
C LEU A 4 0.38 15.78 -10.95
N GLN A 5 1.54 16.15 -11.49
CA GLN A 5 2.82 15.51 -11.14
C GLN A 5 3.39 16.14 -9.87
N GLN A 6 3.47 15.36 -8.80
CA GLN A 6 4.00 15.83 -7.52
C GLN A 6 5.49 15.52 -7.35
N SER A 7 6.15 16.17 -6.40
CA SER A 7 7.58 15.98 -6.14
C SER A 7 7.86 14.64 -5.45
N GLY A 8 9.14 14.28 -5.38
CA GLY A 8 9.56 12.96 -4.90
C GLY A 8 9.41 12.72 -3.40
N PRO A 9 9.68 11.49 -2.94
CA PRO A 9 9.57 11.17 -1.51
C PRO A 9 10.58 11.94 -0.66
N GLU A 10 10.24 12.19 0.60
CA GLU A 10 11.06 13.01 1.49
C GLU A 10 11.34 12.32 2.82
N LEU A 11 12.60 12.35 3.24
CA LEU A 11 12.96 12.00 4.62
C LEU A 11 13.41 13.27 5.32
N VAL A 12 12.66 13.68 6.33
CA VAL A 12 12.98 14.92 7.02
C VAL A 12 13.16 14.73 8.53
N LYS A 13 14.07 15.49 9.11
CA LYS A 13 14.37 15.41 10.55
C LYS A 13 13.25 16.02 11.40
N PRO A 14 12.99 15.43 12.58
CA PRO A 14 11.83 15.78 13.40
C PRO A 14 11.74 17.21 13.93
N GLY A 15 12.43 18.16 13.28
CA GLY A 15 12.27 19.58 13.60
C GLY A 15 12.13 20.41 12.35
N ALA A 16 12.62 19.87 11.23
CA ALA A 16 12.79 20.59 9.97
C ALA A 16 11.49 20.98 9.28
N SER A 17 11.61 21.51 8.07
CA SER A 17 10.48 21.80 7.19
C SER A 17 10.66 21.12 5.84
N VAL A 18 9.58 21.01 5.06
CA VAL A 18 9.64 20.48 3.71
C VAL A 18 8.64 21.20 2.79
N LYS A 19 9.02 21.41 1.53
CA LYS A 19 8.11 21.98 0.53
C LYS A 19 7.81 20.99 -0.60
N ILE A 20 6.52 20.66 -0.77
CA ILE A 20 6.05 19.70 -1.80
C ILE A 20 5.51 20.48 -3.00
N SER A 21 5.74 19.97 -4.20
CA SER A 21 5.29 20.62 -5.43
C SER A 21 4.23 19.79 -6.20
N CYS A 22 3.41 20.50 -6.98
CA CYS A 22 2.32 19.86 -7.73
C CYS A 22 2.19 20.52 -9.10
N LYS A 23 2.73 19.85 -10.13
CA LYS A 23 2.77 20.43 -11.47
C LYS A 23 1.57 20.01 -12.31
N ALA A 24 0.86 21.00 -12.85
CA ALA A 24 -0.39 20.77 -13.58
C ALA A 24 -0.23 20.72 -15.11
N SER A 25 -0.95 19.80 -15.76
CA SER A 25 -0.92 19.70 -17.21
C SER A 25 -2.28 19.33 -17.79
N GLY A 26 -2.55 19.81 -19.00
CA GLY A 26 -3.74 19.42 -19.77
C GLY A 26 -5.01 20.18 -19.44
N TYR A 27 -4.86 21.29 -18.72
CA TYR A 27 -5.97 22.21 -18.41
C TYR A 27 -5.41 23.58 -18.03
N SER A 28 -6.29 24.58 -18.01
CA SER A 28 -5.94 25.94 -17.57
C SER A 28 -5.78 25.98 -16.04
N PHE A 29 -4.52 25.96 -15.60
CA PHE A 29 -4.13 25.85 -14.18
C PHE A 29 -4.79 26.88 -13.25
N THR A 30 -4.80 28.13 -13.68
CA THR A 30 -5.38 29.22 -12.88
C THR A 30 -6.91 29.25 -12.96
N GLY A 31 -7.50 28.26 -13.64
CA GLY A 31 -8.95 28.24 -13.83
C GLY A 31 -9.70 27.42 -12.79
N TYR A 32 -8.96 26.65 -12.00
CA TYR A 32 -9.56 25.73 -11.01
C TYR A 32 -8.84 25.79 -9.66
N TYR A 33 -9.59 25.66 -8.57
CA TYR A 33 -9.01 25.50 -7.24
C TYR A 33 -8.11 24.30 -7.08
N MET A 34 -7.14 24.44 -6.19
CA MET A 34 -6.21 23.37 -5.85
C MET A 34 -6.30 23.04 -4.36
N ASN A 35 -6.52 21.77 -4.04
CA ASN A 35 -6.59 21.31 -2.66
C ASN A 35 -5.44 20.38 -2.25
N TRP A 36 -5.26 20.24 -0.94
CA TRP A 36 -4.27 19.34 -0.39
C TRP A 36 -4.90 18.44 0.67
N VAL A 37 -4.52 17.16 0.64
CA VAL A 37 -5.08 16.10 1.49
C VAL A 37 -3.96 15.25 2.09
N LYS A 38 -4.07 14.95 3.39
CA LYS A 38 -3.16 14.04 4.08
C LYS A 38 -3.75 12.63 4.11
N GLN A 39 -2.91 11.62 3.88
CA GLN A 39 -3.33 10.23 4.12
C GLN A 39 -2.38 9.54 5.11
N SER A 40 -2.85 9.35 6.34
CA SER A 40 -2.04 8.76 7.41
C SER A 40 -1.70 7.29 7.06
N PRO A 41 -0.61 6.73 7.63
CA PRO A 41 -0.31 5.29 7.47
C PRO A 41 -1.54 4.39 7.72
N GLU A 42 -2.44 4.82 8.60
CA GLU A 42 -3.72 4.15 8.87
C GLU A 42 -4.75 4.31 7.75
N LYS A 43 -4.36 5.01 6.67
CA LYS A 43 -5.19 5.19 5.46
C LYS A 43 -6.45 6.04 5.67
N SER A 44 -6.43 6.90 6.70
CA SER A 44 -7.49 7.89 6.86
C SER A 44 -7.14 9.10 5.99
N LEU A 45 -8.15 9.81 5.50
CA LEU A 45 -7.96 11.00 4.66
C LEU A 45 -8.32 12.29 5.40
N GLU A 46 -7.45 13.30 5.34
CA GLU A 46 -7.72 14.61 5.99
C GLU A 46 -7.52 15.76 5.02
N TRP A 47 -8.53 16.63 4.92
CA TRP A 47 -8.44 17.80 4.08
C TRP A 47 -7.58 18.84 4.80
N ILE A 48 -6.51 19.27 4.14
CA ILE A 48 -5.59 20.24 4.74
C ILE A 48 -6.05 21.67 4.48
N GLY A 49 -6.46 21.94 3.24
CA GLY A 49 -6.78 23.28 2.83
C GLY A 49 -6.88 23.45 1.35
N GLU A 50 -7.31 24.63 0.93
CA GLU A 50 -7.48 24.98 -0.46
C GLU A 50 -6.78 26.30 -0.81
N MET A 51 -6.29 26.38 -2.04
CA MET A 51 -5.68 27.60 -2.59
C MET A 51 -6.29 27.94 -3.95
N SER A 52 -6.50 29.22 -4.23
CA SER A 52 -6.85 29.65 -5.57
C SER A 52 -5.57 30.09 -6.31
N PRO A 53 -5.19 29.36 -7.39
CA PRO A 53 -3.93 29.62 -8.13
C PRO A 53 -3.99 30.92 -8.91
N SER A 54 -5.21 31.41 -9.08
CA SER A 54 -5.53 32.62 -9.82
C SER A 54 -5.32 33.87 -8.96
N THR A 55 -5.97 33.91 -7.81
CA THR A 55 -5.95 35.11 -6.96
C THR A 55 -5.06 34.99 -5.72
N GLY A 56 -4.43 33.84 -5.50
CA GLY A 56 -3.70 33.61 -4.26
C GLY A 56 -4.55 33.36 -3.01
N ARG A 57 -5.87 33.69 -3.09
CA ARG A 57 -6.85 33.44 -1.98
C ARG A 57 -6.81 32.00 -1.44
N THR A 58 -6.91 31.84 -0.11
CA THR A 58 -6.67 30.54 0.57
C THR A 58 -7.58 30.24 1.78
N THR A 59 -8.00 28.97 1.93
CA THR A 59 -8.80 28.48 3.08
C THR A 59 -8.19 27.22 3.75
N TYR A 60 -7.90 27.30 5.05
CA TYR A 60 -7.30 26.18 5.78
C TYR A 60 -8.26 25.42 6.68
N ASN A 61 -7.99 24.12 6.83
CA ASN A 61 -8.53 23.32 7.91
C ASN A 61 -7.80 23.79 9.14
N GLN A 62 -8.54 24.21 10.16
CA GLN A 62 -7.91 24.85 11.32
C GLN A 62 -6.88 23.96 12.02
N ASN A 63 -7.03 22.65 11.86
CA ASN A 63 -6.09 21.68 12.43
C ASN A 63 -4.70 21.75 11.80
N PHE A 64 -4.62 22.36 10.61
CA PHE A 64 -3.37 22.48 9.87
C PHE A 64 -2.85 23.91 9.78
N LYS A 65 -3.55 24.84 10.42
CA LYS A 65 -3.21 26.27 10.36
C LYS A 65 -1.79 26.54 10.79
N ALA A 66 -1.34 25.88 11.87
CA ALA A 66 0.03 26.04 12.39
C ALA A 66 1.10 25.25 11.60
N LYS A 67 0.64 24.28 10.80
CA LYS A 67 1.51 23.31 10.14
C LYS A 67 1.80 23.61 8.68
N ALA A 68 0.77 24.01 7.95
CA ALA A 68 0.82 24.05 6.48
C ALA A 68 0.77 25.48 5.95
N THR A 69 1.53 25.72 4.88
CA THR A 69 1.41 26.96 4.12
C THR A 69 1.33 26.63 2.63
N LEU A 70 0.27 27.09 1.98
CA LEU A 70 0.08 26.84 0.54
C LEU A 70 0.56 28.01 -0.28
N THR A 71 1.33 27.72 -1.32
CA THR A 71 1.88 28.73 -2.24
C THR A 71 1.70 28.34 -3.71
N VAL A 72 1.98 29.28 -4.61
CA VAL A 72 1.73 29.12 -6.05
C VAL A 72 2.88 29.69 -6.91
N ASP A 73 3.03 29.15 -8.12
CA ASP A 73 3.85 29.76 -9.17
C ASP A 73 3.11 29.60 -10.49
N GLN A 74 2.45 30.66 -10.91
CA GLN A 74 1.62 30.67 -12.12
C GLN A 74 2.45 30.46 -13.39
N SER A 75 3.71 30.88 -13.38
CA SER A 75 4.54 30.79 -14.59
C SER A 75 4.78 29.34 -14.99
N SER A 76 4.83 28.44 -14.01
CA SER A 76 5.17 27.05 -14.26
C SER A 76 4.00 26.09 -14.03
N SER A 77 2.81 26.66 -13.81
CA SER A 77 1.61 25.89 -13.46
C SER A 77 1.88 24.95 -12.28
N THR A 78 2.49 25.48 -11.22
CA THR A 78 2.82 24.66 -10.05
C THR A 78 2.31 25.25 -8.73
N ALA A 79 1.70 24.38 -7.93
CA ALA A 79 1.20 24.68 -6.60
C ALA A 79 2.16 24.06 -5.59
N TYR A 80 2.35 24.71 -4.45
CA TYR A 80 3.26 24.23 -3.41
C TYR A 80 2.60 24.07 -2.05
N MET A 81 3.17 23.21 -1.21
CA MET A 81 2.78 23.12 0.20
C MET A 81 4.00 22.86 1.07
N GLN A 82 4.22 23.78 2.02
CA GLN A 82 5.27 23.64 3.02
C GLN A 82 4.69 23.17 4.35
N LEU A 83 5.36 22.21 4.98
CA LEU A 83 4.96 21.76 6.31
C LEU A 83 6.05 22.10 7.32
N LYS A 84 5.69 22.87 8.35
CA LYS A 84 6.67 23.38 9.33
C LYS A 84 6.69 22.54 10.62
N SER A 85 7.82 22.62 11.33
CA SER A 85 8.02 21.94 12.62
C SER A 85 7.49 20.51 12.67
N LEU A 86 8.06 19.64 11.85
CA LEU A 86 7.52 18.30 11.64
C LEU A 86 7.76 17.33 12.82
N THR A 87 6.76 16.49 13.09
CA THR A 87 6.84 15.44 14.11
C THR A 87 6.41 14.14 13.45
N SER A 88 6.43 13.03 14.20
CA SER A 88 5.99 11.73 13.70
C SER A 88 4.57 11.75 13.16
N GLU A 89 3.72 12.58 13.76
CA GLU A 89 2.32 12.70 13.32
C GLU A 89 2.22 13.10 11.85
N ASP A 90 3.28 13.72 11.33
CA ASP A 90 3.27 14.30 10.00
C ASP A 90 3.75 13.31 8.92
N SER A 91 4.28 12.16 9.33
CA SER A 91 4.66 11.08 8.40
C SER A 91 3.39 10.57 7.70
N ALA A 92 3.33 10.78 6.39
CA ALA A 92 2.10 10.50 5.62
C ALA A 92 2.34 10.65 4.11
N VAL A 93 1.36 10.22 3.32
CA VAL A 93 1.31 10.58 1.91
C VAL A 93 0.49 11.84 1.75
N TYR A 94 1.03 12.82 1.02
CA TYR A 94 0.31 14.07 0.77
C TYR A 94 -0.06 14.18 -0.68
N TYR A 95 -1.32 14.51 -0.93
CA TYR A 95 -1.85 14.65 -2.28
C TYR A 95 -2.21 16.10 -2.54
N CYS A 96 -1.94 16.56 -3.75
CA CYS A 96 -2.64 17.74 -4.28
C CYS A 96 -3.85 17.21 -5.05
N ALA A 97 -4.91 18.01 -5.14
CA ALA A 97 -6.14 17.56 -5.82
C ALA A 97 -6.95 18.72 -6.42
N ARG A 98 -7.30 18.60 -7.70
CA ARG A 98 -8.03 19.67 -8.39
C ARG A 98 -9.51 19.63 -8.01
N SER A 99 -10.08 20.81 -7.75
CA SER A 99 -11.53 20.90 -7.53
C SER A 99 -12.15 21.64 -8.72
N VAL A 100 -13.27 22.34 -8.52
CA VAL A 100 -14.00 22.93 -9.65
C VAL A 100 -13.45 24.26 -10.16
N PRO A 101 -13.95 24.74 -11.33
CA PRO A 101 -13.47 26.03 -11.85
C PRO A 101 -13.84 27.18 -10.91
N LEU A 102 -13.11 28.28 -11.03
CA LEU A 102 -13.37 29.47 -10.22
C LEU A 102 -14.64 30.18 -10.64
N THR A 103 -15.21 29.75 -11.77
CA THR A 103 -16.41 30.36 -12.36
C THR A 103 -17.68 29.57 -12.07
N THR A 104 -17.62 28.63 -11.14
CA THR A 104 -18.80 27.82 -10.82
C THR A 104 -19.73 28.55 -9.87
N LEU A 105 -20.99 28.69 -10.27
CA LEU A 105 -22.03 29.11 -9.34
C LEU A 105 -22.51 27.89 -8.57
N ILE A 106 -22.50 26.74 -9.26
CA ILE A 106 -22.92 25.44 -8.70
C ILE A 106 -22.23 25.16 -7.37
N GLU A 107 -22.91 24.45 -6.49
CA GLU A 107 -22.36 24.13 -5.19
C GLU A 107 -21.91 22.67 -5.10
N ASP A 108 -20.91 22.34 -5.92
CA ASP A 108 -20.30 21.02 -5.98
C ASP A 108 -18.78 21.15 -5.79
N TRP A 109 -18.28 20.77 -4.60
CA TRP A 109 -16.85 20.95 -4.23
C TRP A 109 -16.06 19.62 -4.06
N TYR A 110 -16.04 18.89 -5.17
CA TYR A 110 -15.42 17.57 -5.25
C TYR A 110 -13.97 17.68 -5.73
N PHE A 111 -13.18 16.65 -5.49
CA PHE A 111 -11.80 16.60 -6.01
C PHE A 111 -11.76 15.65 -7.19
N ASP A 112 -11.80 16.19 -8.41
CA ASP A 112 -11.96 15.36 -9.60
C ASP A 112 -10.67 14.77 -10.19
N VAL A 113 -9.52 15.37 -9.91
CA VAL A 113 -8.21 14.82 -10.31
C VAL A 113 -7.23 14.92 -9.14
N TRP A 114 -6.66 13.77 -8.72
CA TRP A 114 -5.73 13.72 -7.56
C TRP A 114 -4.31 13.59 -8.05
N GLY A 115 -3.36 14.18 -7.33
CA GLY A 115 -1.94 14.13 -7.72
C GLY A 115 -1.32 12.76 -7.55
N THR A 116 -0.04 12.64 -7.90
CA THR A 116 0.66 11.36 -7.85
C THR A 116 1.02 10.95 -6.42
N GLY A 117 0.96 11.91 -5.50
CA GLY A 117 1.29 11.64 -4.10
C GLY A 117 2.77 11.87 -3.78
N THR A 118 3.03 12.40 -2.58
CA THR A 118 4.37 12.58 -2.08
C THR A 118 4.45 11.97 -0.68
N THR A 119 5.26 10.93 -0.51
CA THR A 119 5.40 10.30 0.79
C THR A 119 6.43 11.07 1.64
N VAL A 120 6.01 11.50 2.83
CA VAL A 120 6.89 12.22 3.75
C VAL A 120 7.19 11.34 4.96
N THR A 121 8.47 11.09 5.22
CA THR A 121 8.88 10.37 6.42
C THR A 121 9.62 11.33 7.35
N VAL A 122 9.16 11.42 8.59
CA VAL A 122 9.84 12.22 9.59
C VAL A 122 10.36 11.32 10.70
N SER A 123 11.69 11.28 10.83
CA SER A 123 12.36 10.50 11.87
C SER A 123 13.84 10.85 11.93
N SER A 124 14.48 10.44 13.03
CA SER A 124 15.87 10.71 13.26
C SER A 124 16.69 9.47 12.92
N ALA A 125 16.01 8.47 12.39
CA ALA A 125 16.68 7.23 12.00
C ALA A 125 17.56 7.49 10.77
N LYS A 126 18.72 6.83 10.72
CA LYS A 126 19.71 7.07 9.67
C LYS A 126 19.36 6.34 8.37
N THR A 127 19.57 7.02 7.24
CA THR A 127 19.48 6.33 5.94
C THR A 127 20.52 5.20 5.90
N THR A 128 20.06 3.98 5.57
CA THR A 128 20.90 2.79 5.56
C THR A 128 20.58 1.99 4.29
N PRO A 129 21.62 1.58 3.55
CA PRO A 129 21.42 0.83 2.31
C PRO A 129 21.00 -0.62 2.62
N PRO A 130 20.34 -1.28 1.65
CA PRO A 130 19.87 -2.64 1.83
C PRO A 130 20.98 -3.72 1.73
N SER A 131 20.79 -4.81 2.46
CA SER A 131 21.49 -6.06 2.17
C SER A 131 20.49 -6.91 1.41
N VAL A 132 20.95 -7.50 0.30
CA VAL A 132 20.09 -8.34 -0.53
C VAL A 132 20.55 -9.79 -0.48
N TYR A 133 19.66 -10.67 -0.03
CA TYR A 133 20.03 -12.07 0.15
C TYR A 133 19.22 -12.96 -0.78
N PRO A 134 19.90 -13.91 -1.46
CA PRO A 134 19.23 -14.83 -2.37
C PRO A 134 18.51 -15.93 -1.59
N LEU A 135 17.31 -16.28 -2.04
CA LEU A 135 16.55 -17.40 -1.50
C LEU A 135 16.40 -18.49 -2.57
N ALA A 136 17.13 -19.60 -2.39
CA ALA A 136 17.14 -20.68 -3.38
C ALA A 136 16.80 -22.00 -2.69
N PRO A 137 16.19 -22.96 -3.42
CA PRO A 137 15.88 -24.23 -2.73
C PRO A 137 17.09 -25.17 -2.59
N GLY A 138 16.94 -26.25 -1.81
CA GLY A 138 17.94 -27.32 -1.75
C GLY A 138 17.35 -28.69 -2.05
N SER A 139 16.43 -28.74 -3.02
CA SER A 139 15.57 -29.92 -3.24
C SER A 139 15.71 -30.63 -4.58
N ALA A 140 16.43 -30.03 -5.53
CA ALA A 140 16.44 -30.45 -6.95
C ALA A 140 15.02 -30.55 -7.58
N ALA A 141 14.79 -31.54 -8.44
CA ALA A 141 13.48 -31.74 -9.06
C ALA A 141 12.57 -32.58 -8.16
N ASN A 144 8.21 -30.92 -7.55
CA ASN A 144 7.25 -30.09 -8.27
C ASN A 144 7.72 -29.78 -9.72
N SER A 145 6.79 -29.36 -10.57
CA SER A 145 7.09 -28.89 -11.93
C SER A 145 7.41 -27.39 -11.94
N MET A 146 7.04 -26.72 -10.85
CA MET A 146 7.31 -25.30 -10.62
C MET A 146 8.34 -25.18 -9.50
N VAL A 147 9.18 -24.15 -9.55
CA VAL A 147 10.10 -23.89 -8.45
C VAL A 147 9.94 -22.44 -7.96
N THR A 148 10.03 -22.25 -6.65
CA THR A 148 9.90 -20.92 -6.06
C THR A 148 11.28 -20.41 -5.57
N LEU A 149 11.66 -19.24 -6.07
CA LEU A 149 12.88 -18.54 -5.68
C LEU A 149 12.51 -17.22 -5.00
N GLY A 150 13.46 -16.59 -4.33
CA GLY A 150 13.14 -15.36 -3.64
C GLY A 150 14.33 -14.48 -3.41
N CYS A 151 14.04 -13.24 -3.01
CA CYS A 151 15.04 -12.30 -2.51
C CYS A 151 14.57 -11.71 -1.21
N LEU A 152 15.46 -11.67 -0.21
CA LEU A 152 15.21 -11.03 1.06
C LEU A 152 16.03 -9.74 1.11
N VAL A 153 15.33 -8.62 1.27
CA VAL A 153 15.97 -7.31 1.32
C VAL A 153 15.84 -6.81 2.75
N LYS A 154 16.97 -6.69 3.44
CA LYS A 154 16.96 -6.44 4.88
C LYS A 154 17.83 -5.26 5.33
N GLY A 155 17.39 -4.61 6.40
CA GLY A 155 18.23 -3.65 7.13
C GLY A 155 18.42 -2.31 6.45
N TYR A 156 17.39 -1.85 5.75
CA TYR A 156 17.42 -0.58 5.03
C TYR A 156 16.48 0.47 5.64
N PHE A 157 16.80 1.73 5.36
CA PHE A 157 15.95 2.87 5.75
C PHE A 157 16.32 4.07 4.87
N PRO A 158 15.30 4.87 4.45
CA PRO A 158 13.85 4.73 4.61
C PRO A 158 13.25 3.88 3.49
N GLU A 159 11.92 3.74 3.48
CA GLU A 159 11.17 3.32 2.30
C GLU A 159 11.26 4.43 1.24
N PRO A 160 11.08 4.10 -0.07
CA PRO A 160 10.75 2.79 -0.62
C PRO A 160 11.95 2.00 -1.15
N VAL A 161 11.81 0.68 -1.19
CA VAL A 161 12.65 -0.17 -2.06
C VAL A 161 11.72 -0.72 -3.14
N THR A 162 12.26 -0.87 -4.34
CA THR A 162 11.54 -1.49 -5.44
C THR A 162 12.31 -2.73 -5.89
N VAL A 163 11.57 -3.75 -6.30
CA VAL A 163 12.13 -5.04 -6.66
C VAL A 163 11.52 -5.45 -8.00
N THR A 164 12.38 -5.91 -8.90
CA THR A 164 11.91 -6.54 -10.13
C THR A 164 12.65 -7.85 -10.28
N TRP A 165 12.19 -8.68 -11.22
CA TRP A 165 12.86 -9.94 -11.52
C TRP A 165 13.20 -9.94 -12.98
N ASN A 166 14.45 -10.25 -13.27
CA ASN A 166 15.00 -10.19 -14.64
C ASN A 166 14.68 -8.88 -15.36
N SER A 167 14.91 -7.77 -14.65
CA SER A 167 14.74 -6.41 -15.14
C SER A 167 13.32 -6.10 -15.52
N GLY A 168 12.39 -6.73 -14.81
CA GLY A 168 10.98 -6.54 -15.07
C GLY A 168 10.38 -7.52 -16.07
N SER A 169 11.22 -8.27 -16.78
CA SER A 169 10.73 -9.17 -17.84
C SER A 169 10.08 -10.43 -17.24
N LEU A 170 10.36 -10.70 -15.97
CA LEU A 170 9.75 -11.79 -15.26
C LEU A 170 8.77 -11.15 -14.26
N SER A 171 7.47 -11.20 -14.58
CA SER A 171 6.46 -10.51 -13.77
C SER A 171 5.28 -11.37 -13.31
N SER A 172 4.96 -12.40 -14.08
CA SER A 172 3.95 -13.37 -13.65
C SER A 172 4.55 -14.28 -12.59
N GLY A 173 3.76 -14.60 -11.58
CA GLY A 173 4.18 -15.50 -10.51
C GLY A 173 5.09 -14.80 -9.52
N VAL A 174 5.10 -13.47 -9.53
CA VAL A 174 5.90 -12.70 -8.58
C VAL A 174 5.01 -12.26 -7.44
N HIS A 175 5.50 -12.41 -6.20
CA HIS A 175 4.85 -11.79 -5.05
C HIS A 175 5.90 -10.93 -4.32
N THR A 176 5.71 -9.62 -4.34
CA THR A 176 6.61 -8.73 -3.59
C THR A 176 5.80 -8.19 -2.45
N PHE A 177 6.31 -8.43 -1.24
CA PHE A 177 5.60 -8.22 0.02
C PHE A 177 5.84 -6.83 0.60
N PRO A 178 4.82 -6.24 1.25
CA PRO A 178 5.00 -4.96 1.96
C PRO A 178 6.16 -5.02 2.96
N ALA A 179 6.94 -3.94 3.10
CA ALA A 179 8.07 -3.91 4.02
C ALA A 179 7.59 -3.85 5.46
N VAL A 180 8.35 -4.45 6.35
CA VAL A 180 8.04 -4.41 7.77
C VAL A 180 9.13 -3.69 8.56
N LEU A 181 8.76 -2.65 9.29
CA LEU A 181 9.69 -1.92 10.14
C LEU A 181 9.97 -2.62 11.47
N GLN A 182 11.24 -2.83 11.78
CA GLN A 182 11.64 -3.17 13.15
C GLN A 182 12.89 -2.39 13.50
N SER A 183 12.82 -1.68 14.64
CA SER A 183 13.92 -0.88 15.18
C SER A 183 14.60 0.00 14.12
N ASP A 184 13.79 0.79 13.42
CA ASP A 184 14.27 1.82 12.48
C ASP A 184 14.91 1.23 11.22
N LEU A 185 14.66 -0.06 10.96
CA LEU A 185 15.13 -0.71 9.72
C LEU A 185 14.07 -1.63 9.11
N TYR A 186 13.97 -1.61 7.79
CA TYR A 186 12.95 -2.39 7.09
C TYR A 186 13.47 -3.71 6.56
N THR A 187 12.57 -4.68 6.55
CA THR A 187 12.74 -5.94 5.83
C THR A 187 11.57 -6.08 4.82
N LEU A 188 11.93 -6.47 3.60
CA LEU A 188 10.99 -6.75 2.53
C LEU A 188 11.40 -8.09 1.92
N SER A 189 10.45 -8.87 1.43
CA SER A 189 10.82 -10.02 0.61
C SER A 189 10.04 -10.08 -0.70
N SER A 190 10.53 -10.87 -1.63
CA SER A 190 9.83 -11.07 -2.89
C SER A 190 10.04 -12.50 -3.35
N SER A 191 8.98 -13.15 -3.83
CA SER A 191 9.10 -14.52 -4.31
C SER A 191 8.78 -14.52 -5.78
N VAL A 192 9.38 -15.44 -6.51
CA VAL A 192 9.01 -15.64 -7.90
C VAL A 192 8.90 -17.14 -8.16
N THR A 193 7.83 -17.55 -8.83
CA THR A 193 7.62 -18.96 -9.19
C THR A 193 7.72 -19.13 -10.68
N VAL A 194 8.60 -20.03 -11.10
CA VAL A 194 8.93 -20.28 -12.50
C VAL A 194 8.80 -21.78 -12.81
N PRO A 195 8.61 -22.14 -14.09
CA PRO A 195 8.68 -23.57 -14.41
C PRO A 195 10.07 -24.11 -14.08
N SER A 196 10.13 -25.33 -13.54
CA SER A 196 11.40 -25.93 -13.14
C SER A 196 12.29 -26.27 -14.33
N SER A 197 11.71 -26.30 -15.53
CA SER A 197 12.47 -26.47 -16.76
C SER A 197 13.32 -25.24 -17.10
N THR A 198 12.92 -24.08 -16.56
CA THR A 198 13.62 -22.82 -16.87
C THR A 198 14.69 -22.43 -15.84
N TRP A 199 14.60 -23.00 -14.64
CA TRP A 199 15.63 -22.79 -13.60
C TRP A 199 16.12 -24.14 -13.04
N PRO A 200 17.46 -24.32 -12.88
CA PRO A 200 18.54 -23.35 -13.05
C PRO A 200 19.13 -23.25 -14.46
N SER A 201 18.50 -23.88 -15.46
CA SER A 201 19.06 -23.82 -16.82
C SER A 201 19.07 -22.39 -17.36
N GLU A 202 18.17 -21.54 -16.86
CA GLU A 202 18.19 -20.12 -17.24
C GLU A 202 18.39 -19.20 -16.05
N THR A 203 18.90 -18.00 -16.33
CA THR A 203 19.21 -17.02 -15.30
C THR A 203 17.95 -16.40 -14.69
N VAL A 204 17.92 -16.34 -13.37
CA VAL A 204 16.92 -15.57 -12.62
C VAL A 204 17.64 -14.63 -11.64
N THR A 205 17.34 -13.35 -11.74
CA THR A 205 17.98 -12.30 -10.93
C THR A 205 16.97 -11.36 -10.29
N CYS A 206 17.07 -11.12 -8.99
CA CYS A 206 16.26 -10.03 -8.46
C CYS A 206 17.04 -8.72 -8.51
N ASN A 207 16.36 -7.66 -8.92
CA ASN A 207 16.94 -6.32 -8.99
C ASN A 207 16.28 -5.48 -7.93
N VAL A 208 17.08 -4.86 -7.09
CA VAL A 208 16.60 -4.14 -5.92
C VAL A 208 17.08 -2.69 -6.05
N ALA A 209 16.17 -1.73 -5.95
CA ALA A 209 16.59 -0.32 -5.97
C ALA A 209 16.22 0.39 -4.67
N HIS A 210 17.17 1.13 -4.12
CA HIS A 210 16.90 1.93 -2.91
C HIS A 210 17.37 3.37 -3.17
N PRO A 211 16.50 4.20 -3.78
CA PRO A 211 16.85 5.54 -4.22
C PRO A 211 17.39 6.42 -3.12
N ALA A 212 16.83 6.33 -1.91
CA ALA A 212 17.29 7.13 -0.77
C ALA A 212 18.80 7.01 -0.51
N SER A 213 19.35 5.81 -0.65
CA SER A 213 20.77 5.60 -0.42
C SER A 213 21.57 5.51 -1.74
N SER A 214 20.92 5.86 -2.86
CA SER A 214 21.60 5.89 -4.18
C SER A 214 22.16 4.51 -4.58
N THR A 215 21.42 3.45 -4.26
CA THR A 215 21.93 2.09 -4.38
C THR A 215 21.04 1.27 -5.32
N LYS A 216 21.66 0.53 -6.25
CA LYS A 216 20.95 -0.55 -6.93
C LYS A 216 21.74 -1.85 -6.79
N VAL A 217 21.06 -2.96 -6.45
CA VAL A 217 21.67 -4.28 -6.32
C VAL A 217 20.98 -5.33 -7.21
N ASP A 218 21.79 -6.04 -7.99
CA ASP A 218 21.37 -7.27 -8.67
C ASP A 218 21.90 -8.51 -7.98
N LYS A 219 21.01 -9.47 -7.74
CA LYS A 219 21.40 -10.75 -7.14
C LYS A 219 20.90 -11.90 -8.04
N LYS A 220 21.83 -12.59 -8.71
CA LYS A 220 21.50 -13.82 -9.44
C LYS A 220 21.21 -14.94 -8.44
N ILE A 221 20.13 -15.68 -8.68
CA ILE A 221 19.78 -16.84 -7.83
C ILE A 221 20.40 -18.10 -8.41
N VAL A 222 21.40 -18.65 -7.71
CA VAL A 222 22.08 -19.88 -8.12
C VAL A 222 21.69 -21.03 -7.17
N PRO A 223 21.72 -22.31 -7.66
CA PRO A 223 21.36 -23.43 -6.77
C PRO A 223 22.30 -23.67 -5.60
N ARG A 224 21.82 -24.50 -4.65
CA ARG A 224 22.42 -24.70 -3.32
C ARG A 224 22.21 -23.47 -2.45
N ASP B 1 -16.49 20.02 13.22
CA ASP B 1 -16.16 18.93 12.28
C ASP B 1 -17.29 17.93 12.20
N ILE B 2 -17.83 17.75 11.00
CA ILE B 2 -18.84 16.74 10.75
C ILE B 2 -18.20 15.34 10.80
N GLN B 3 -18.73 14.44 11.64
CA GLN B 3 -18.23 13.05 11.66
C GLN B 3 -18.88 12.24 10.53
N MET B 4 -18.03 11.57 9.76
CA MET B 4 -18.42 10.71 8.65
C MET B 4 -18.07 9.30 9.07
N THR B 5 -19.09 8.47 9.26
CA THR B 5 -18.90 7.06 9.64
C THR B 5 -19.31 6.13 8.52
N GLN B 6 -18.35 5.38 8.01
CA GLN B 6 -18.63 4.38 6.97
C GLN B 6 -18.82 2.99 7.55
N SER B 7 -19.69 2.23 6.90
CA SER B 7 -19.81 0.81 7.16
C SER B 7 -20.21 0.02 5.91
N PRO B 8 -19.85 -1.28 5.88
CA PRO B 8 -19.02 -1.95 6.91
C PRO B 8 -17.56 -1.52 6.72
N ALA B 9 -16.66 -1.87 7.64
CA ALA B 9 -15.22 -1.58 7.44
C ALA B 9 -14.65 -2.39 6.28
N SER B 10 -15.23 -3.57 6.09
CA SER B 10 -14.72 -4.54 5.16
C SER B 10 -15.90 -5.29 4.56
N LEU B 11 -15.86 -5.52 3.25
CA LEU B 11 -16.94 -6.18 2.53
C LEU B 11 -16.35 -7.23 1.59
N SER B 12 -16.96 -8.41 1.56
CA SER B 12 -16.50 -9.49 0.73
C SER B 12 -17.68 -10.00 -0.10
N ALA B 13 -17.55 -10.03 -1.42
CA ALA B 13 -18.65 -10.47 -2.29
C ALA B 13 -18.16 -11.13 -3.56
N SER B 14 -18.99 -11.96 -4.17
CA SER B 14 -18.65 -12.64 -5.41
C SER B 14 -18.69 -11.72 -6.61
N VAL B 15 -17.85 -11.99 -7.61
CA VAL B 15 -18.00 -11.31 -8.91
C VAL B 15 -19.46 -11.41 -9.38
N GLY B 16 -20.07 -10.29 -9.73
CA GLY B 16 -21.46 -10.30 -10.21
C GLY B 16 -22.46 -9.93 -9.13
N ALA B 17 -22.01 -9.92 -7.89
CA ALA B 17 -22.88 -9.50 -6.79
C ALA B 17 -23.16 -7.99 -6.88
N THR B 18 -24.30 -7.58 -6.32
CA THR B 18 -24.59 -6.17 -6.05
C THR B 18 -24.20 -5.91 -4.59
N VAL B 19 -23.43 -4.84 -4.36
CA VAL B 19 -22.98 -4.51 -3.00
C VAL B 19 -23.29 -3.03 -2.68
N THR B 20 -23.48 -2.73 -1.40
CA THR B 20 -23.82 -1.38 -0.94
C THR B 20 -22.92 -1.01 0.25
N ILE B 21 -22.31 0.17 0.18
CA ILE B 21 -21.45 0.70 1.25
C ILE B 21 -22.25 1.90 1.74
N THR B 22 -22.27 2.12 3.06
CA THR B 22 -23.04 3.22 3.65
CA THR B 22 -23.00 3.27 3.58
C THR B 22 -22.12 4.26 4.31
N CYS B 23 -22.57 5.52 4.33
CA CYS B 23 -21.88 6.62 4.95
C CYS B 23 -22.91 7.39 5.77
N ARG B 24 -22.68 7.46 7.07
CA ARG B 24 -23.60 8.14 7.98
C ARG B 24 -22.93 9.44 8.50
N THR B 25 -23.66 10.56 8.47
CA THR B 25 -23.03 11.84 8.81
C THR B 25 -23.60 12.39 10.14
N SER B 26 -22.83 13.21 10.85
CA SER B 26 -23.29 13.77 12.15
C SER B 26 -24.33 14.90 12.00
N GLU B 27 -24.44 15.42 10.78
CA GLU B 27 -25.35 16.56 10.44
C GLU B 27 -26.12 16.22 9.14
N ASN B 28 -27.29 16.82 8.92
CA ASN B 28 -27.89 16.82 7.58
C ASN B 28 -26.93 17.60 6.65
N ILE B 29 -26.28 16.90 5.73
CA ILE B 29 -25.37 17.56 4.76
C ILE B 29 -26.00 17.90 3.40
N ASP B 30 -27.31 17.68 3.26
CA ASP B 30 -28.07 18.09 2.08
C ASP B 30 -27.44 17.56 0.76
N SER B 31 -26.93 16.33 0.82
CA SER B 31 -26.33 15.64 -0.35
C SER B 31 -25.06 16.29 -0.91
N TYR B 32 -24.40 17.14 -0.11
CA TYR B 32 -23.08 17.69 -0.44
C TYR B 32 -22.04 16.64 -0.09
N LEU B 33 -21.99 15.60 -0.92
CA LEU B 33 -21.18 14.43 -0.61
C LEU B 33 -20.54 13.85 -1.88
N ALA B 34 -19.28 13.42 -1.75
CA ALA B 34 -18.57 12.76 -2.84
C ALA B 34 -18.11 11.37 -2.40
N TRP B 35 -17.99 10.44 -3.36
CA TRP B 35 -17.41 9.12 -3.12
C TRP B 35 -16.12 9.00 -3.93
N TYR B 36 -15.11 8.36 -3.34
CA TYR B 36 -13.86 8.05 -4.06
C TYR B 36 -13.49 6.58 -3.94
N GLN B 37 -12.80 6.10 -4.97
CA GLN B 37 -12.16 4.78 -5.01
C GLN B 37 -10.67 5.00 -4.89
N GLN B 38 -9.97 4.10 -4.20
CA GLN B 38 -8.51 4.11 -4.23
C GLN B 38 -8.01 2.66 -4.23
N ARG B 39 -7.34 2.29 -5.31
CA ARG B 39 -6.73 0.96 -5.42
C ARG B 39 -5.40 0.99 -4.68
N GLN B 40 -4.94 -0.16 -4.23
CA GLN B 40 -3.65 -0.27 -3.54
C GLN B 40 -2.53 0.37 -4.36
N GLY B 41 -1.75 1.23 -3.71
CA GLY B 41 -0.59 1.85 -4.35
C GLY B 41 -0.91 2.98 -5.31
N LYS B 42 -2.18 3.38 -5.40
CA LYS B 42 -2.63 4.37 -6.39
C LYS B 42 -3.24 5.59 -5.70
N SER B 43 -3.37 6.67 -6.45
CA SER B 43 -4.08 7.86 -6.01
C SER B 43 -5.59 7.63 -6.08
N PRO B 44 -6.38 8.31 -5.21
CA PRO B 44 -7.83 8.20 -5.31
C PRO B 44 -8.38 8.74 -6.65
N GLN B 45 -9.57 8.27 -7.02
CA GLN B 45 -10.33 8.79 -8.16
C GLN B 45 -11.76 9.08 -7.73
N LEU B 46 -12.37 10.12 -8.33
CA LEU B 46 -13.74 10.48 -8.02
C LEU B 46 -14.73 9.52 -8.68
N LEU B 47 -15.72 9.06 -7.92
CA LEU B 47 -16.76 8.20 -8.48
C LEU B 47 -18.08 8.97 -8.67
N VAL B 48 -18.48 9.65 -7.60
CA VAL B 48 -19.83 10.24 -7.48
C VAL B 48 -19.68 11.58 -6.74
N TYR B 49 -20.44 12.59 -7.18
CA TYR B 49 -20.57 13.88 -6.48
C TYR B 49 -22.05 14.28 -6.34
N ALA B 50 -22.34 15.23 -5.44
CA ALA B 50 -23.70 15.62 -5.10
C ALA B 50 -24.54 14.38 -4.74
N ALA B 51 -23.89 13.43 -4.06
CA ALA B 51 -24.49 12.15 -3.58
C ALA B 51 -24.92 11.17 -4.66
N THR B 52 -25.35 11.65 -5.83
CA THR B 52 -25.98 10.80 -6.85
C THR B 52 -25.46 11.00 -8.30
N ASN B 53 -24.59 11.99 -8.53
CA ASN B 53 -24.07 12.28 -9.88
C ASN B 53 -22.82 11.47 -10.17
N LEU B 54 -22.87 10.63 -11.19
CA LEU B 54 -21.73 9.81 -11.57
C LEU B 54 -20.71 10.70 -12.25
N ALA B 55 -19.45 10.64 -11.81
CA ALA B 55 -18.37 11.43 -12.44
C ALA B 55 -18.12 10.89 -13.87
N ASP B 56 -17.78 11.74 -14.82
CA ASP B 56 -17.69 11.22 -16.20
C ASP B 56 -16.53 10.20 -16.35
N GLY B 57 -16.74 9.19 -17.20
CA GLY B 57 -15.76 8.10 -17.33
C GLY B 57 -15.94 6.97 -16.32
N VAL B 58 -16.67 7.24 -15.22
CA VAL B 58 -16.92 6.20 -14.21
C VAL B 58 -17.91 5.15 -14.75
N PRO B 59 -17.61 3.86 -14.54
CA PRO B 59 -18.50 2.79 -15.00
C PRO B 59 -19.92 2.95 -14.46
N SER B 60 -20.90 2.69 -15.31
CA SER B 60 -22.30 2.89 -14.94
C SER B 60 -22.84 1.90 -13.90
N ARG B 61 -22.09 0.85 -13.57
CA ARG B 61 -22.50 -0.07 -12.50
C ARG B 61 -22.40 0.60 -11.10
N PHE B 62 -21.71 1.73 -11.05
CA PHE B 62 -21.65 2.54 -9.82
C PHE B 62 -22.82 3.50 -9.73
N SER B 63 -23.39 3.65 -8.53
CA SER B 63 -24.46 4.65 -8.31
C SER B 63 -24.41 5.11 -6.86
N GLY B 64 -24.93 6.32 -6.61
CA GLY B 64 -25.04 6.83 -5.25
C GLY B 64 -26.48 7.24 -4.95
N SER B 65 -26.83 7.18 -3.69
CA SER B 65 -28.13 7.69 -3.25
C SER B 65 -28.03 8.16 -1.80
N GLY B 66 -29.09 8.80 -1.32
CA GLY B 66 -29.11 9.23 0.09
C GLY B 66 -29.69 10.62 0.24
N SER B 67 -29.82 11.04 1.49
CA SER B 67 -30.35 12.36 1.85
C SER B 67 -30.17 12.40 3.36
N GLY B 68 -30.38 13.57 3.97
CA GLY B 68 -30.26 13.73 5.42
C GLY B 68 -28.87 13.33 5.91
N THR B 69 -28.83 12.31 6.75
CA THR B 69 -27.61 11.83 7.38
C THR B 69 -27.15 10.46 6.88
N GLN B 70 -27.81 9.90 5.86
CA GLN B 70 -27.44 8.58 5.37
C GLN B 70 -27.31 8.50 3.84
N TYR B 71 -26.13 8.06 3.39
CA TYR B 71 -25.79 8.01 1.95
C TYR B 71 -25.18 6.66 1.64
N SER B 72 -25.31 6.21 0.40
CA SER B 72 -24.88 4.87 0.01
C SER B 72 -24.23 4.92 -1.34
N LEU B 73 -23.25 4.06 -1.52
CA LEU B 73 -22.64 3.84 -2.81
C LEU B 73 -23.01 2.41 -3.16
N LYS B 74 -23.47 2.20 -4.38
CA LYS B 74 -23.84 0.86 -4.83
C LYS B 74 -23.08 0.44 -6.09
N ILE B 75 -22.59 -0.79 -6.08
CA ILE B 75 -21.97 -1.39 -7.25
C ILE B 75 -22.83 -2.58 -7.65
N ASN B 76 -23.42 -2.51 -8.85
CA ASN B 76 -24.11 -3.63 -9.49
C ASN B 76 -23.06 -4.48 -10.18
N SER B 77 -23.32 -5.79 -10.26
CA SER B 77 -22.35 -6.74 -10.81
C SER B 77 -20.90 -6.34 -10.53
N LEU B 78 -20.50 -6.52 -9.27
CA LEU B 78 -19.13 -6.34 -8.84
C LEU B 78 -18.11 -7.05 -9.74
N GLN B 79 -17.04 -6.34 -10.09
CA GLN B 79 -15.96 -6.87 -10.94
C GLN B 79 -14.66 -6.90 -10.16
N SER B 80 -13.74 -7.79 -10.54
CA SER B 80 -12.49 -7.90 -9.80
C SER B 80 -11.70 -6.56 -9.73
N GLU B 81 -11.79 -5.68 -10.74
CA GLU B 81 -11.08 -4.37 -10.66
C GLU B 81 -11.72 -3.42 -9.65
N ASP B 82 -12.86 -3.81 -9.09
CA ASP B 82 -13.51 -3.01 -8.05
C ASP B 82 -12.89 -3.23 -6.64
N VAL B 83 -12.00 -4.21 -6.51
CA VAL B 83 -11.21 -4.41 -5.28
C VAL B 83 -10.36 -3.13 -4.98
N ALA B 84 -10.71 -2.44 -3.91
CA ALA B 84 -10.18 -1.10 -3.58
C ALA B 84 -10.76 -0.68 -2.23
N ARG B 85 -10.30 0.49 -1.74
CA ARG B 85 -10.89 1.13 -0.58
C ARG B 85 -11.77 2.25 -1.12
N TYR B 86 -12.92 2.44 -0.51
CA TYR B 86 -13.90 3.46 -0.91
C TYR B 86 -14.07 4.45 0.25
N TYR B 87 -14.09 5.74 -0.08
CA TYR B 87 -14.24 6.80 0.92
C TYR B 87 -15.38 7.73 0.53
N CYS B 88 -16.15 8.14 1.53
CA CYS B 88 -17.08 9.26 1.37
C CYS B 88 -16.43 10.55 1.90
N GLN B 89 -16.85 11.69 1.37
CA GLN B 89 -16.39 13.02 1.81
C GLN B 89 -17.58 13.99 1.79
N HIS B 90 -17.77 14.77 2.85
CA HIS B 90 -18.76 15.84 2.78
C HIS B 90 -18.12 17.17 2.32
N TYR B 91 -18.92 18.02 1.72
CA TYR B 91 -18.52 19.43 1.51
C TYR B 91 -19.65 20.40 1.94
N SER B 92 -20.13 20.23 3.17
CA SER B 92 -21.28 20.98 3.67
C SER B 92 -20.89 22.26 4.43
N THR B 93 -20.15 22.09 5.53
CA THR B 93 -19.55 23.23 6.24
C THR B 93 -18.08 22.86 6.44
N THR B 94 -17.19 23.86 6.44
CA THR B 94 -15.76 23.60 6.68
C THR B 94 -15.54 23.16 8.13
N PRO B 95 -14.55 22.28 8.38
CA PRO B 95 -13.65 21.65 7.42
C PRO B 95 -14.25 20.41 6.77
N TRP B 96 -13.96 20.23 5.49
CA TRP B 96 -14.40 19.02 4.79
C TRP B 96 -13.71 17.82 5.46
N THR B 97 -14.49 16.77 5.73
CA THR B 97 -13.95 15.56 6.37
C THR B 97 -14.40 14.34 5.55
N PHE B 98 -13.69 13.24 5.78
CA PHE B 98 -13.85 11.97 5.05
C PHE B 98 -14.23 10.85 6.00
N GLY B 99 -14.93 9.82 5.51
CA GLY B 99 -15.14 8.60 6.30
C GLY B 99 -13.83 7.81 6.43
N GLY B 100 -13.83 6.78 7.28
CA GLY B 100 -12.62 5.99 7.54
C GLY B 100 -12.25 5.02 6.41
N GLY B 101 -13.12 4.91 5.41
CA GLY B 101 -12.90 3.96 4.31
C GLY B 101 -13.59 2.61 4.48
N THR B 102 -13.95 1.99 3.35
CA THR B 102 -14.44 0.61 3.32
C THR B 102 -13.58 -0.18 2.31
N GLN B 103 -13.07 -1.33 2.71
CA GLN B 103 -12.26 -2.17 1.82
C GLN B 103 -13.13 -3.29 1.23
N LEU B 104 -13.11 -3.43 -0.09
CA LEU B 104 -13.87 -4.46 -0.75
C LEU B 104 -12.93 -5.53 -1.25
N GLU B 105 -13.30 -6.79 -1.04
CA GLU B 105 -12.57 -7.93 -1.58
C GLU B 105 -13.52 -8.83 -2.40
N ILE B 106 -12.95 -9.56 -3.34
CA ILE B 106 -13.68 -10.56 -4.11
C ILE B 106 -13.72 -11.89 -3.32
N LYS B 107 -14.91 -12.45 -3.20
CA LYS B 107 -15.04 -13.77 -2.60
C LYS B 107 -14.86 -14.80 -3.70
N ARG B 108 -13.96 -15.76 -3.50
CA ARG B 108 -13.71 -16.87 -4.43
C ARG B 108 -13.63 -18.21 -3.69
N ALA B 109 -13.39 -19.29 -4.43
CA ALA B 109 -13.26 -20.64 -3.82
C ALA B 109 -12.03 -20.73 -2.92
N ASP B 110 -12.16 -21.50 -1.85
CA ASP B 110 -11.03 -21.74 -0.98
C ASP B 110 -9.82 -22.20 -1.80
N ALA B 111 -8.62 -21.77 -1.41
CA ALA B 111 -7.37 -22.19 -2.10
C ALA B 111 -6.31 -22.44 -1.07
N ALA B 112 -5.71 -23.64 -1.11
CA ALA B 112 -4.68 -24.01 -0.14
C ALA B 112 -3.34 -23.27 -0.42
N PRO B 113 -2.63 -22.85 0.62
CA PRO B 113 -1.35 -22.14 0.40
C PRO B 113 -0.25 -23.02 -0.18
N THR B 114 0.56 -22.47 -1.08
CA THR B 114 1.78 -23.14 -1.50
C THR B 114 2.89 -22.61 -0.61
N VAL B 115 3.49 -23.50 0.18
CA VAL B 115 4.41 -23.08 1.20
C VAL B 115 5.85 -23.45 0.82
N SER B 116 6.75 -22.47 0.88
CA SER B 116 8.17 -22.67 0.61
C SER B 116 8.98 -22.08 1.76
N ILE B 117 10.06 -22.77 2.14
CA ILE B 117 10.87 -22.35 3.26
C ILE B 117 12.31 -22.29 2.80
N PHE B 118 13.04 -21.30 3.32
CA PHE B 118 14.41 -21.06 2.88
C PHE B 118 15.32 -20.90 4.09
N PRO B 119 16.42 -21.65 4.12
CA PRO B 119 17.45 -21.39 5.14
C PRO B 119 18.15 -20.05 4.86
N PRO B 120 18.92 -19.51 5.84
CA PRO B 120 19.72 -18.30 5.60
C PRO B 120 20.67 -18.51 4.43
N SER B 121 20.92 -17.45 3.66
CA SER B 121 21.98 -17.45 2.64
C SER B 121 23.38 -17.43 3.25
N SER B 122 24.36 -17.96 2.51
CA SER B 122 25.74 -17.85 2.96
C SER B 122 26.16 -16.38 3.11
N GLU B 123 25.65 -15.52 2.23
CA GLU B 123 25.89 -14.09 2.34
C GLU B 123 25.51 -13.50 3.69
N GLN B 124 24.32 -13.82 4.19
CA GLN B 124 23.85 -13.28 5.44
C GLN B 124 24.66 -13.83 6.62
N LEU B 125 24.91 -15.14 6.60
CA LEU B 125 25.72 -15.78 7.64
C LEU B 125 27.09 -15.10 7.84
N THR B 126 27.67 -14.54 6.76
CA THR B 126 28.93 -13.78 6.88
C THR B 126 28.76 -12.51 7.71
N SER B 127 27.55 -11.98 7.79
CA SER B 127 27.29 -10.80 8.64
C SER B 127 27.06 -11.13 10.12
N GLY B 128 26.90 -12.42 10.45
CA GLY B 128 26.60 -12.82 11.83
C GLY B 128 25.10 -12.86 12.11
N GLY B 129 24.29 -12.75 11.06
CA GLY B 129 22.83 -12.87 11.15
C GLY B 129 22.33 -14.09 10.40
N ALA B 130 21.10 -14.51 10.69
CA ALA B 130 20.51 -15.69 10.07
C ALA B 130 18.99 -15.54 10.02
N SER B 131 18.46 -15.36 8.81
CA SER B 131 17.04 -15.28 8.58
C SER B 131 16.53 -16.53 7.88
N VAL B 132 15.45 -17.09 8.41
CA VAL B 132 14.74 -18.19 7.79
C VAL B 132 13.44 -17.59 7.26
N VAL B 133 13.14 -17.87 6.00
CA VAL B 133 11.97 -17.26 5.36
C VAL B 133 11.00 -18.33 4.94
N CYS B 134 9.74 -18.04 5.18
CA CYS B 134 8.65 -18.87 4.74
C CYS B 134 7.70 -18.08 3.84
N PHE B 135 7.46 -18.58 2.64
CA PHE B 135 6.38 -18.01 1.81
C PHE B 135 5.14 -18.91 1.84
N LEU B 136 3.98 -18.28 2.07
CA LEU B 136 2.69 -18.99 2.00
C LEU B 136 1.89 -18.29 0.92
N ASN B 137 1.89 -18.85 -0.29
CA ASN B 137 1.41 -18.14 -1.49
C ASN B 137 0.10 -18.63 -2.05
N ASN B 138 -0.70 -17.67 -2.58
CA ASN B 138 -1.89 -17.95 -3.39
C ASN B 138 -2.93 -18.77 -2.63
N PHE B 139 -3.28 -18.28 -1.45
CA PHE B 139 -4.35 -18.92 -0.66
C PHE B 139 -5.62 -18.07 -0.52
N TYR B 140 -6.72 -18.74 -0.20
CA TYR B 140 -7.98 -18.04 0.08
C TYR B 140 -8.78 -18.92 1.06
N PRO B 141 -9.45 -18.31 2.06
CA PRO B 141 -9.60 -16.87 2.44
C PRO B 141 -8.34 -16.27 3.11
N LYS B 142 -8.37 -14.97 3.41
CA LYS B 142 -7.18 -14.26 3.88
C LYS B 142 -6.71 -14.71 5.28
N ASP B 143 -7.63 -15.26 6.07
CA ASP B 143 -7.36 -15.63 7.46
CA ASP B 143 -7.31 -15.60 7.47
C ASP B 143 -6.31 -16.74 7.54
N ILE B 144 -5.14 -16.44 8.12
CA ILE B 144 -4.06 -17.45 8.28
C ILE B 144 -3.29 -17.13 9.58
N ASN B 145 -2.68 -18.13 10.20
CA ASN B 145 -1.84 -17.91 11.37
C ASN B 145 -0.54 -18.69 11.19
N VAL B 146 0.61 -18.06 11.43
CA VAL B 146 1.90 -18.73 11.24
C VAL B 146 2.63 -18.82 12.59
N LYS B 147 3.22 -19.98 12.88
CA LYS B 147 4.05 -20.18 14.06
C LYS B 147 5.39 -20.75 13.60
N TRP B 148 6.45 -20.35 14.28
CA TRP B 148 7.77 -20.92 14.03
C TRP B 148 8.13 -21.86 15.15
N LYS B 149 8.70 -22.99 14.77
CA LYS B 149 9.21 -23.98 15.71
C LYS B 149 10.68 -24.24 15.42
N ILE B 150 11.50 -24.26 16.48
CA ILE B 150 12.90 -24.57 16.37
C ILE B 150 13.13 -25.79 17.25
N ASP B 151 13.63 -26.87 16.66
CA ASP B 151 13.73 -28.14 17.36
C ASP B 151 12.43 -28.46 18.11
N GLY B 152 11.29 -28.08 17.52
CA GLY B 152 9.98 -28.34 18.10
C GLY B 152 9.41 -27.34 19.13
N SER B 153 10.23 -26.39 19.55
CA SER B 153 9.78 -25.37 20.50
C SER B 153 9.34 -24.08 19.77
N GLU B 154 8.12 -23.62 20.02
CA GLU B 154 7.63 -22.39 19.40
C GLU B 154 8.50 -21.17 19.71
N ARG B 155 8.86 -20.45 18.67
CA ARG B 155 9.66 -19.24 18.75
C ARG B 155 8.88 -18.05 18.21
N GLN B 156 8.78 -16.98 19.00
CA GLN B 156 7.97 -15.82 18.64
C GLN B 156 8.81 -14.57 18.43
N ASN B 157 9.85 -14.41 19.25
CA ASN B 157 10.79 -13.29 19.10
C ASN B 157 11.52 -13.34 17.76
N GLY B 158 11.52 -12.21 17.05
CA GLY B 158 12.30 -12.01 15.83
C GLY B 158 11.57 -12.40 14.56
N VAL B 159 10.25 -12.48 14.65
CA VAL B 159 9.41 -12.92 13.56
C VAL B 159 8.73 -11.69 12.97
N LEU B 160 8.84 -11.55 11.65
CA LEU B 160 8.23 -10.46 10.90
C LEU B 160 7.35 -11.08 9.81
N ASN B 161 6.09 -10.62 9.75
CA ASN B 161 5.11 -11.09 8.78
C ASN B 161 4.56 -9.98 7.91
N SER B 162 4.36 -10.28 6.63
CA SER B 162 3.56 -9.37 5.82
C SER B 162 2.72 -10.11 4.81
N TRP B 163 1.64 -9.45 4.40
CA TRP B 163 0.62 -10.03 3.52
C TRP B 163 0.53 -9.16 2.28
N THR B 164 0.47 -9.79 1.11
CA THR B 164 0.07 -9.06 -0.08
C THR B 164 -1.43 -8.67 -0.05
N ASP B 165 -1.81 -7.72 -0.90
CA ASP B 165 -3.23 -7.49 -1.16
C ASP B 165 -3.72 -8.53 -2.14
N GLN B 166 -5.04 -8.61 -2.29
CA GLN B 166 -5.67 -9.64 -3.13
C GLN B 166 -5.19 -9.58 -4.58
N ASP B 167 -4.88 -10.75 -5.16
CA ASP B 167 -4.32 -10.83 -6.52
C ASP B 167 -5.35 -10.51 -7.60
N SER B 168 -5.00 -9.64 -8.55
CA SER B 168 -5.99 -9.17 -9.57
C SER B 168 -6.39 -10.20 -10.62
N LYS B 169 -5.58 -11.25 -10.75
CA LYS B 169 -5.82 -12.37 -11.67
C LYS B 169 -6.60 -13.49 -11.00
N ASP B 170 -6.07 -13.98 -9.88
CA ASP B 170 -6.66 -15.14 -9.24
C ASP B 170 -7.38 -14.89 -7.90
N SER B 171 -7.39 -13.64 -7.42
CA SER B 171 -8.14 -13.26 -6.19
C SER B 171 -7.64 -13.94 -4.88
N THR B 172 -6.43 -14.46 -4.89
CA THR B 172 -5.82 -15.06 -3.70
C THR B 172 -4.97 -14.04 -2.95
N TYR B 173 -4.49 -14.43 -1.75
CA TYR B 173 -3.56 -13.68 -0.95
C TYR B 173 -2.30 -14.52 -0.79
N SER B 174 -1.20 -13.85 -0.44
CA SER B 174 0.06 -14.49 -0.17
C SER B 174 0.62 -13.86 1.10
N MET B 175 1.49 -14.57 1.81
CA MET B 175 2.04 -14.10 3.07
C MET B 175 3.51 -14.51 3.14
N SER B 176 4.31 -13.66 3.77
CA SER B 176 5.72 -13.93 3.97
C SER B 176 6.02 -13.78 5.46
N SER B 177 6.78 -14.73 5.98
CA SER B 177 7.18 -14.71 7.38
C SER B 177 8.69 -14.96 7.45
N THR B 178 9.39 -14.06 8.13
CA THR B 178 10.83 -14.14 8.28
C THR B 178 11.18 -14.19 9.76
N LEU B 179 11.86 -15.27 10.13
CA LEU B 179 12.42 -15.38 11.48
C LEU B 179 13.93 -15.06 11.42
N THR B 180 14.36 -14.04 12.17
CA THR B 180 15.77 -13.67 12.19
C THR B 180 16.37 -14.02 13.54
N LEU B 181 17.49 -14.73 13.46
CA LEU B 181 18.26 -15.15 14.60
C LEU B 181 19.70 -14.68 14.39
N THR B 182 20.54 -14.89 15.39
CA THR B 182 21.97 -14.75 15.19
C THR B 182 22.51 -16.02 14.52
N LYS B 183 23.64 -15.89 13.81
CA LYS B 183 24.36 -17.04 13.27
C LYS B 183 24.63 -18.05 14.39
N ASP B 184 24.97 -17.54 15.56
CA ASP B 184 25.27 -18.42 16.70
C ASP B 184 24.08 -19.24 17.16
N GLU B 185 22.94 -18.60 17.38
CA GLU B 185 21.77 -19.36 17.81
C GLU B 185 21.22 -20.26 16.70
N TYR B 186 21.37 -19.82 15.45
CA TYR B 186 20.92 -20.61 14.31
C TYR B 186 21.70 -21.92 14.23
N GLU B 187 22.99 -21.85 14.52
CA GLU B 187 23.84 -23.02 14.42
C GLU B 187 23.74 -24.00 15.61
N ARG B 188 23.09 -23.58 16.69
CA ARG B 188 22.91 -24.44 17.86
C ARG B 188 21.76 -25.43 17.63
N HIS B 189 21.02 -25.23 16.55
CA HIS B 189 19.82 -26.02 16.29
C HIS B 189 19.79 -26.70 14.93
N ASN B 190 18.88 -27.65 14.77
CA ASN B 190 18.79 -28.45 13.55
C ASN B 190 17.47 -28.25 12.78
N SER B 191 16.35 -28.43 13.46
CA SER B 191 15.03 -28.45 12.83
C SER B 191 14.42 -27.06 12.81
N TYR B 192 14.14 -26.54 11.62
CA TYR B 192 13.43 -25.25 11.48
C TYR B 192 12.11 -25.42 10.75
N THR B 193 11.01 -25.03 11.42
CA THR B 193 9.64 -25.28 10.97
C THR B 193 8.77 -24.02 10.89
N CYS B 194 8.16 -23.83 9.73
CA CYS B 194 7.14 -22.83 9.48
C CYS B 194 5.81 -23.59 9.56
N GLU B 195 4.92 -23.22 10.49
CA GLU B 195 3.68 -23.95 10.71
C GLU B 195 2.44 -23.02 10.65
N ALA B 196 1.50 -23.33 9.75
CA ALA B 196 0.34 -22.48 9.45
C ALA B 196 -0.98 -23.15 9.76
N THR B 197 -1.97 -22.36 10.14
CA THR B 197 -3.31 -22.86 10.23
C THR B 197 -4.15 -22.06 9.28
N HIS B 198 -4.88 -22.79 8.47
CA HIS B 198 -5.67 -22.19 7.43
C HIS B 198 -6.85 -23.11 7.28
N LYS B 199 -8.00 -22.56 6.90
CA LYS B 199 -9.21 -23.37 6.76
C LYS B 199 -9.14 -24.49 5.71
N THR B 200 -8.16 -24.47 4.81
CA THR B 200 -8.04 -25.52 3.80
C THR B 200 -7.38 -26.81 4.33
N SER B 201 -6.93 -26.78 5.57
CA SER B 201 -6.36 -27.99 6.20
C SER B 201 -6.88 -28.14 7.62
N THR B 202 -7.27 -29.38 7.95
CA THR B 202 -7.74 -29.69 9.28
C THR B 202 -6.59 -29.59 10.27
N SER B 203 -5.44 -30.14 9.91
CA SER B 203 -4.30 -30.14 10.80
C SER B 203 -3.37 -28.98 10.42
N PRO B 204 -2.38 -28.66 11.27
CA PRO B 204 -1.47 -27.60 10.87
C PRO B 204 -0.65 -27.96 9.62
N ILE B 205 -0.37 -26.96 8.81
CA ILE B 205 0.43 -27.11 7.59
C ILE B 205 1.88 -26.91 8.03
N VAL B 206 2.68 -27.97 7.89
CA VAL B 206 4.04 -27.99 8.43
C VAL B 206 5.07 -28.02 7.31
N LYS B 207 5.95 -27.01 7.29
CA LYS B 207 7.07 -26.97 6.37
C LYS B 207 8.39 -26.81 7.12
N SER B 208 9.30 -27.76 6.94
CA SER B 208 10.55 -27.81 7.69
C SER B 208 11.79 -28.05 6.82
N PHE B 209 12.94 -27.70 7.36
CA PHE B 209 14.20 -28.21 6.85
C PHE B 209 15.09 -28.55 8.03
N ASN B 210 16.02 -29.46 7.76
CA ASN B 210 17.02 -29.85 8.72
C ASN B 210 18.33 -29.26 8.30
N ARG B 211 18.96 -28.57 9.24
CA ARG B 211 20.19 -27.89 9.01
C ARG B 211 21.36 -28.80 9.45
N ASN B 212 21.96 -29.62 8.58
CA ASN B 212 21.54 -29.94 7.21
C ASN B 212 21.19 -31.43 7.11
N GLU B 213 20.25 -31.76 6.22
CA GLU B 213 19.70 -33.13 6.05
C GLU B 213 18.55 -33.14 5.05
C1 GOL C . 8.33 -9.76 3.96
O1 GOL C . 8.12 -8.52 3.28
C2 GOL C . 8.53 -9.49 5.45
O2 GOL C . 9.69 -8.67 5.59
C3 GOL C . 8.72 -10.74 6.31
O3 GOL C . 8.69 -11.99 5.61
#